data_1WY1
#
_entry.id   1WY1
#
_cell.length_a   127.188
_cell.length_b   78.722
_cell.length_c   52.013
_cell.angle_alpha   90.00
_cell.angle_beta   108.60
_cell.angle_gamma   90.00
#
_symmetry.space_group_name_H-M   'C 1 2 1'
#
loop_
_entity.id
_entity.type
_entity.pdbx_description
1 polymer 'hypothetical protein PH0671'
2 non-polymer 'MAGNESIUM ION'
3 water water
#
_entity_poly.entity_id   1
_entity_poly.type   'polypeptide(L)'
_entity_poly.pdbx_seq_one_letter_code
;MRITTKVGDKGSTRLFGGEEVWKDSPIIEANGTLDELTSFIGEAKHYVDEEMKGILEEIQNDIYKIMGEIGSKGKIEGIS
EERIKWLEGLISRYEEMVNLKSFVLPGGTLESAKLDVCRTIARRAERKVATVLREFGIGKEALVYLNRLSDLLFLLARVI
EIEKNKLKEVRS
;
_entity_poly.pdbx_strand_id   A,B,C
#
loop_
_chem_comp.id
_chem_comp.type
_chem_comp.name
_chem_comp.formula
MG non-polymer 'MAGNESIUM ION' 'Mg 2'
#
# COMPACT_ATOMS: atom_id res chain seq x y z
N TRP A 22 9.26 22.21 -7.33
CA TRP A 22 8.47 21.18 -8.00
C TRP A 22 9.36 20.20 -8.76
N LYS A 23 10.60 20.66 -9.04
CA LYS A 23 11.52 19.83 -9.83
C LYS A 23 12.03 18.62 -9.04
N ASP A 24 11.80 18.65 -7.72
CA ASP A 24 12.29 17.57 -6.88
C ASP A 24 11.26 16.45 -6.72
N SER A 25 10.04 16.72 -7.18
CA SER A 25 8.97 15.73 -7.05
C SER A 25 9.44 14.33 -7.44
N PRO A 26 10.06 14.16 -8.62
CA PRO A 26 10.51 12.83 -9.01
C PRO A 26 11.36 12.18 -7.91
N ILE A 27 12.18 13.00 -7.25
CA ILE A 27 13.05 12.53 -6.18
C ILE A 27 12.25 12.09 -4.96
N ILE A 28 11.40 12.99 -4.48
CA ILE A 28 10.57 12.72 -3.30
C ILE A 28 9.59 11.56 -3.52
N GLU A 29 8.96 11.52 -4.70
CA GLU A 29 8.02 10.45 -4.99
C GLU A 29 8.73 9.11 -5.06
N ALA A 30 9.87 9.09 -5.75
CA ALA A 30 10.65 7.88 -5.89
C ALA A 30 11.07 7.30 -4.54
N ASN A 31 11.66 8.14 -3.70
CA ASN A 31 12.09 7.66 -2.38
C ASN A 31 10.93 7.28 -1.49
N GLY A 32 9.80 7.96 -1.64
CA GLY A 32 8.65 7.62 -0.83
C GLY A 32 8.20 6.22 -1.19
N THR A 33 8.15 5.92 -2.49
CA THR A 33 7.73 4.61 -2.97
C THR A 33 8.74 3.52 -2.62
N LEU A 34 10.03 3.84 -2.68
CA LEU A 34 11.07 2.88 -2.33
C LEU A 34 10.98 2.58 -0.84
N ASP A 35 10.61 3.59 -0.06
CA ASP A 35 10.46 3.43 1.39
C ASP A 35 9.29 2.47 1.62
N GLU A 36 8.21 2.67 0.88
CA GLU A 36 7.05 1.78 1.00
C GLU A 36 7.47 0.35 0.64
N LEU A 37 8.23 0.22 -0.44
CA LEU A 37 8.71 -1.09 -0.88
C LEU A 37 9.52 -1.82 0.19
N THR A 38 10.56 -1.18 0.73
CA THR A 38 11.34 -1.86 1.74
C THR A 38 10.55 -2.13 3.02
N SER A 39 9.55 -1.30 3.31
CA SER A 39 8.76 -1.52 4.50
C SER A 39 7.86 -2.76 4.32
N PHE A 40 7.31 -2.92 3.11
CA PHE A 40 6.47 -4.09 2.85
C PHE A 40 7.30 -5.36 2.80
N ILE A 41 8.54 -5.22 2.34
CA ILE A 41 9.45 -6.36 2.29
C ILE A 41 9.79 -6.69 3.74
N GLY A 42 9.94 -5.63 4.54
CA GLY A 42 10.24 -5.80 5.96
C GLY A 42 9.17 -6.60 6.66
N GLU A 43 7.94 -6.52 6.17
CA GLU A 43 6.83 -7.26 6.74
C GLU A 43 6.84 -8.69 6.20
N ALA A 44 6.99 -8.82 4.90
CA ALA A 44 6.99 -10.12 4.24
C ALA A 44 8.08 -11.08 4.68
N LYS A 45 9.23 -10.56 5.08
CA LYS A 45 10.34 -11.43 5.45
C LYS A 45 10.09 -12.29 6.68
N HIS A 46 9.02 -12.00 7.41
CA HIS A 46 8.69 -12.78 8.61
C HIS A 46 7.82 -13.98 8.24
N TYR A 47 7.51 -14.13 6.95
CA TYR A 47 6.67 -15.21 6.47
C TYR A 47 7.39 -16.22 5.59
N VAL A 48 8.72 -16.11 5.50
CA VAL A 48 9.49 -17.01 4.65
C VAL A 48 10.58 -17.74 5.42
N ASP A 49 11.21 -18.72 4.79
CA ASP A 49 12.26 -19.45 5.48
C ASP A 49 13.54 -18.63 5.63
N GLU A 50 14.51 -19.19 6.33
CA GLU A 50 15.77 -18.50 6.59
C GLU A 50 16.50 -18.03 5.34
N GLU A 51 16.56 -18.88 4.32
CA GLU A 51 17.25 -18.50 3.10
C GLU A 51 16.55 -17.32 2.42
N MET A 52 15.23 -17.40 2.30
CA MET A 52 14.50 -16.32 1.66
C MET A 52 14.54 -15.04 2.48
N LYS A 53 14.54 -15.16 3.80
CA LYS A 53 14.62 -13.96 4.63
C LYS A 53 15.96 -13.27 4.36
N GLY A 54 17.02 -14.07 4.21
CA GLY A 54 18.33 -13.52 3.94
C GLY A 54 18.32 -12.75 2.62
N ILE A 55 17.72 -13.35 1.61
CA ILE A 55 17.62 -12.72 0.29
C ILE A 55 16.85 -11.40 0.42
N LEU A 56 15.71 -11.42 1.10
CA LEU A 56 14.91 -10.21 1.28
C LEU A 56 15.66 -9.11 2.05
N GLU A 57 16.48 -9.47 3.03
CA GLU A 57 17.21 -8.46 3.78
C GLU A 57 18.31 -7.85 2.92
N GLU A 58 18.88 -8.65 2.02
CA GLU A 58 19.90 -8.14 1.12
C GLU A 58 19.22 -7.14 0.21
N ILE A 59 17.99 -7.44 -0.19
CA ILE A 59 17.24 -6.53 -1.05
C ILE A 59 16.96 -5.23 -0.29
N GLN A 60 16.64 -5.32 1.00
CA GLN A 60 16.40 -4.10 1.77
C GLN A 60 17.68 -3.28 1.76
N ASN A 61 18.82 -3.95 1.84
CA ASN A 61 20.12 -3.27 1.81
C ASN A 61 20.29 -2.54 0.49
N ASP A 62 19.93 -3.21 -0.60
CA ASP A 62 20.06 -2.60 -1.93
C ASP A 62 19.13 -1.39 -2.06
N ILE A 63 17.90 -1.51 -1.54
CA ILE A 63 16.97 -0.41 -1.62
C ILE A 63 17.51 0.77 -0.83
N TYR A 64 18.16 0.48 0.30
CA TYR A 64 18.75 1.52 1.13
C TYR A 64 19.77 2.30 0.31
N LYS A 65 20.59 1.58 -0.46
CA LYS A 65 21.60 2.23 -1.28
C LYS A 65 20.96 3.05 -2.40
N ILE A 66 19.92 2.50 -3.03
CA ILE A 66 19.24 3.19 -4.11
C ILE A 66 18.65 4.51 -3.59
N MET A 67 18.00 4.45 -2.43
CA MET A 67 17.40 5.63 -1.83
C MET A 67 18.46 6.67 -1.48
N GLY A 68 19.63 6.19 -1.07
CA GLY A 68 20.72 7.09 -0.73
C GLY A 68 21.09 7.93 -1.94
N GLU A 69 21.30 7.26 -3.07
CA GLU A 69 21.66 7.95 -4.30
C GLU A 69 20.57 8.93 -4.72
N ILE A 70 19.33 8.46 -4.80
CA ILE A 70 18.22 9.31 -5.21
C ILE A 70 17.99 10.48 -4.27
N GLY A 71 17.96 10.20 -2.97
CA GLY A 71 17.73 11.24 -1.98
C GLY A 71 18.82 12.31 -1.91
N SER A 72 20.04 11.94 -2.30
CA SER A 72 21.17 12.87 -2.28
C SER A 72 21.39 13.45 -3.67
N LYS A 73 20.52 13.08 -4.61
CA LYS A 73 20.63 13.54 -5.98
C LYS A 73 21.96 13.15 -6.60
N GLY A 74 22.50 12.02 -6.19
CA GLY A 74 23.76 11.57 -6.75
C GLY A 74 24.99 11.80 -5.88
N LYS A 75 24.89 12.67 -4.89
CA LYS A 75 26.03 12.95 -4.01
C LYS A 75 26.50 11.70 -3.27
N ILE A 76 25.58 10.78 -3.03
CA ILE A 76 25.91 9.54 -2.33
C ILE A 76 25.82 8.36 -3.31
N GLU A 77 26.87 7.54 -3.31
CA GLU A 77 26.97 6.37 -4.18
C GLU A 77 25.73 5.46 -4.10
N GLY A 78 25.34 4.92 -5.26
CA GLY A 78 24.20 4.03 -5.32
C GLY A 78 24.60 2.56 -5.33
N ILE A 79 23.80 1.72 -5.98
CA ILE A 79 24.09 0.29 -6.04
C ILE A 79 25.08 -0.06 -7.15
N SER A 80 25.76 -1.18 -6.96
CA SER A 80 26.73 -1.69 -7.92
C SER A 80 26.00 -2.48 -9.01
N GLU A 81 26.68 -2.64 -10.15
CA GLU A 81 26.12 -3.39 -11.26
C GLU A 81 26.04 -4.86 -10.84
N GLU A 82 26.89 -5.23 -9.88
CA GLU A 82 26.91 -6.59 -9.38
C GLU A 82 25.63 -6.98 -8.67
N ARG A 83 24.92 -6.00 -8.14
CA ARG A 83 23.66 -6.27 -7.45
C ARG A 83 22.60 -6.71 -8.45
N ILE A 84 22.71 -6.23 -9.68
CA ILE A 84 21.77 -6.59 -10.74
C ILE A 84 22.02 -8.03 -11.13
N LYS A 85 23.30 -8.39 -11.28
CA LYS A 85 23.67 -9.74 -11.65
C LYS A 85 23.27 -10.70 -10.55
N TRP A 86 23.30 -10.23 -9.31
CA TRP A 86 22.93 -11.05 -8.17
C TRP A 86 21.46 -11.46 -8.32
N LEU A 87 20.59 -10.49 -8.63
CA LEU A 87 19.18 -10.77 -8.82
C LEU A 87 18.97 -11.73 -9.99
N GLU A 88 19.65 -11.47 -11.10
CA GLU A 88 19.53 -12.31 -12.28
C GLU A 88 19.92 -13.75 -11.98
N GLY A 89 20.91 -13.92 -11.12
CA GLY A 89 21.33 -15.27 -10.77
C GLY A 89 20.23 -15.99 -10.03
N LEU A 90 19.59 -15.29 -9.10
CA LEU A 90 18.50 -15.87 -8.33
C LEU A 90 17.30 -16.14 -9.23
N ILE A 91 17.07 -15.25 -10.19
CA ILE A 91 15.95 -15.42 -11.11
C ILE A 91 16.13 -16.70 -11.94
N SER A 92 17.34 -16.92 -12.43
CA SER A 92 17.65 -18.12 -13.22
C SER A 92 17.40 -19.36 -12.37
N ARG A 93 17.89 -19.32 -11.14
CA ARG A 93 17.74 -20.42 -10.21
C ARG A 93 16.29 -20.80 -9.95
N TYR A 94 15.48 -19.82 -9.56
CA TYR A 94 14.08 -20.07 -9.26
C TYR A 94 13.21 -20.35 -10.48
N GLU A 95 13.56 -19.76 -11.62
CA GLU A 95 12.80 -19.96 -12.84
C GLU A 95 12.72 -21.46 -13.14
N GLU A 96 13.80 -22.17 -12.82
CA GLU A 96 13.85 -23.62 -13.05
C GLU A 96 12.87 -24.42 -12.21
N MET A 97 12.44 -23.84 -11.09
CA MET A 97 11.52 -24.53 -10.19
C MET A 97 10.05 -24.26 -10.48
N VAL A 98 9.77 -23.25 -11.30
CA VAL A 98 8.39 -22.90 -11.60
C VAL A 98 7.94 -23.29 -12.99
N ASN A 99 6.90 -24.13 -13.06
CA ASN A 99 6.35 -24.61 -14.33
C ASN A 99 5.34 -23.65 -14.92
N LEU A 100 4.24 -23.44 -14.20
CA LEU A 100 3.17 -22.55 -14.67
C LEU A 100 3.41 -21.13 -14.14
N LYS A 101 3.62 -20.19 -15.05
CA LYS A 101 3.89 -18.80 -14.68
C LYS A 101 3.05 -17.82 -15.49
N SER A 102 2.34 -18.32 -16.49
CA SER A 102 1.56 -17.46 -17.36
C SER A 102 0.16 -17.07 -16.90
N PHE A 103 -0.54 -17.98 -16.24
CA PHE A 103 -1.89 -17.70 -15.78
C PHE A 103 -2.09 -18.06 -14.32
N VAL A 104 -1.60 -17.18 -13.45
CA VAL A 104 -1.71 -17.40 -12.01
C VAL A 104 -2.26 -16.14 -11.34
N LEU A 105 -3.16 -16.34 -10.38
CA LEU A 105 -3.73 -15.20 -9.66
C LEU A 105 -2.94 -15.03 -8.37
N PRO A 106 -2.64 -13.78 -7.99
CA PRO A 106 -1.88 -13.49 -6.79
C PRO A 106 -2.36 -14.13 -5.49
N GLY A 107 -1.41 -14.40 -4.60
CA GLY A 107 -1.73 -14.95 -3.30
C GLY A 107 -2.25 -16.36 -3.15
N GLY A 108 -1.62 -17.31 -3.83
CA GLY A 108 -2.04 -18.69 -3.72
C GLY A 108 -2.07 -19.13 -2.26
N THR A 109 -1.13 -18.61 -1.47
CA THR A 109 -1.10 -18.92 -0.05
C THR A 109 -0.93 -17.61 0.71
N LEU A 110 -1.16 -17.65 2.02
CA LEU A 110 -1.02 -16.46 2.84
C LEU A 110 0.39 -15.90 2.70
N GLU A 111 1.38 -16.80 2.74
CA GLU A 111 2.77 -16.40 2.60
C GLU A 111 3.12 -15.83 1.22
N SER A 112 2.67 -16.48 0.16
CA SER A 112 2.99 -15.99 -1.19
C SER A 112 2.31 -14.66 -1.47
N ALA A 113 1.16 -14.44 -0.84
CA ALA A 113 0.43 -13.19 -1.03
C ALA A 113 1.31 -12.00 -0.59
N LYS A 114 2.08 -12.19 0.47
CA LYS A 114 2.96 -11.13 0.98
C LYS A 114 3.97 -10.73 -0.11
N LEU A 115 4.51 -11.74 -0.79
CA LEU A 115 5.49 -11.48 -1.83
C LEU A 115 4.84 -10.81 -3.05
N ASP A 116 3.62 -11.22 -3.39
CA ASP A 116 2.94 -10.61 -4.53
C ASP A 116 2.69 -9.13 -4.24
N VAL A 117 2.37 -8.79 -2.99
CA VAL A 117 2.17 -7.39 -2.66
C VAL A 117 3.48 -6.64 -2.90
N CYS A 118 4.59 -7.19 -2.42
CA CYS A 118 5.89 -6.55 -2.61
C CYS A 118 6.19 -6.40 -4.09
N ARG A 119 5.82 -7.42 -4.87
CA ARG A 119 6.02 -7.41 -6.31
C ARG A 119 5.36 -6.20 -6.96
N THR A 120 4.11 -5.91 -6.57
CA THR A 120 3.42 -4.77 -7.15
C THR A 120 4.04 -3.44 -6.75
N ILE A 121 4.56 -3.35 -5.53
CA ILE A 121 5.18 -2.11 -5.09
C ILE A 121 6.50 -1.89 -5.86
N ALA A 122 7.22 -2.98 -6.14
CA ALA A 122 8.46 -2.87 -6.87
C ALA A 122 8.19 -2.33 -8.27
N ARG A 123 7.12 -2.80 -8.89
CA ARG A 123 6.78 -2.32 -10.23
C ARG A 123 6.48 -0.83 -10.20
N ARG A 124 5.83 -0.37 -9.14
CA ARG A 124 5.51 1.05 -9.02
C ARG A 124 6.80 1.83 -8.76
N ALA A 125 7.74 1.22 -8.04
CA ALA A 125 9.01 1.87 -7.74
C ALA A 125 9.83 2.01 -9.01
N GLU A 126 9.77 1.00 -9.87
CA GLU A 126 10.50 1.03 -11.13
C GLU A 126 10.07 2.27 -11.91
N ARG A 127 8.76 2.46 -12.00
CA ARG A 127 8.21 3.61 -12.73
C ARG A 127 8.67 4.94 -12.16
N LYS A 128 8.60 5.10 -10.84
CA LYS A 128 9.03 6.33 -10.21
C LYS A 128 10.50 6.61 -10.48
N VAL A 129 11.32 5.55 -10.43
CA VAL A 129 12.75 5.73 -10.67
C VAL A 129 13.04 6.06 -12.13
N ALA A 130 12.28 5.46 -13.05
CA ALA A 130 12.49 5.74 -14.47
C ALA A 130 12.36 7.24 -14.68
N THR A 131 11.40 7.85 -14.01
CA THR A 131 11.17 9.28 -14.10
C THR A 131 12.37 10.07 -13.58
N VAL A 132 12.93 9.62 -12.47
CA VAL A 132 14.08 10.29 -11.89
C VAL A 132 15.26 10.24 -12.86
N LEU A 133 15.49 9.09 -13.46
CA LEU A 133 16.58 8.93 -14.41
C LEU A 133 16.35 9.90 -15.57
N ARG A 134 15.09 9.99 -15.98
CA ARG A 134 14.66 10.85 -17.08
C ARG A 134 15.02 12.32 -16.87
N GLU A 135 14.80 12.82 -15.66
CA GLU A 135 15.06 14.22 -15.38
C GLU A 135 16.36 14.55 -14.64
N PHE A 136 16.98 13.56 -14.01
CA PHE A 136 18.21 13.81 -13.28
C PHE A 136 19.40 13.00 -13.77
N GLY A 137 19.14 12.01 -14.61
CA GLY A 137 20.22 11.19 -15.13
C GLY A 137 20.82 10.27 -14.09
N ILE A 138 20.16 10.12 -12.96
CA ILE A 138 20.65 9.25 -11.90
C ILE A 138 19.68 8.09 -11.72
N GLY A 139 20.16 6.99 -11.16
CA GLY A 139 19.31 5.84 -10.94
C GLY A 139 19.34 4.86 -12.10
N LYS A 140 20.36 4.97 -12.94
CA LYS A 140 20.48 4.09 -14.10
C LYS A 140 20.51 2.61 -13.69
N GLU A 141 21.36 2.27 -12.75
CA GLU A 141 21.46 0.90 -12.28
C GLU A 141 20.23 0.54 -11.45
N ALA A 142 19.73 1.51 -10.68
CA ALA A 142 18.56 1.31 -9.84
C ALA A 142 17.33 0.90 -10.64
N LEU A 143 17.17 1.51 -11.81
CA LEU A 143 16.03 1.21 -12.66
C LEU A 143 16.03 -0.25 -13.10
N VAL A 144 17.18 -0.74 -13.56
CA VAL A 144 17.30 -2.12 -14.01
C VAL A 144 17.13 -3.07 -12.82
N TYR A 145 17.70 -2.69 -11.68
CA TYR A 145 17.60 -3.50 -10.48
C TYR A 145 16.13 -3.73 -10.12
N LEU A 146 15.36 -2.65 -10.10
CA LEU A 146 13.94 -2.73 -9.76
C LEU A 146 13.14 -3.54 -10.78
N ASN A 147 13.55 -3.46 -12.03
CA ASN A 147 12.89 -4.22 -13.08
C ASN A 147 13.05 -5.72 -12.78
N ARG A 148 14.28 -6.12 -12.47
CA ARG A 148 14.56 -7.51 -12.16
C ARG A 148 13.95 -7.91 -10.81
N LEU A 149 13.89 -6.98 -9.88
CA LEU A 149 13.35 -7.27 -8.55
C LEU A 149 11.91 -7.80 -8.62
N SER A 150 11.06 -7.16 -9.43
CA SER A 150 9.69 -7.63 -9.53
C SER A 150 9.68 -9.04 -10.11
N ASP A 151 10.59 -9.32 -11.05
CA ASP A 151 10.67 -10.66 -11.64
C ASP A 151 10.98 -11.69 -10.56
N LEU A 152 11.94 -11.37 -9.69
CA LEU A 152 12.31 -12.29 -8.62
C LEU A 152 11.20 -12.48 -7.60
N LEU A 153 10.59 -11.39 -7.16
CA LEU A 153 9.50 -11.48 -6.17
C LEU A 153 8.38 -12.36 -6.72
N PHE A 154 8.13 -12.26 -8.02
CA PHE A 154 7.10 -13.08 -8.65
C PHE A 154 7.46 -14.55 -8.48
N LEU A 155 8.69 -14.90 -8.84
CA LEU A 155 9.17 -16.28 -8.74
C LEU A 155 9.18 -16.80 -7.30
N LEU A 156 9.55 -15.96 -6.35
CA LEU A 156 9.58 -16.37 -4.96
C LEU A 156 8.17 -16.72 -4.50
N ALA A 157 7.19 -15.93 -4.92
CA ALA A 157 5.80 -16.20 -4.56
C ALA A 157 5.38 -17.56 -5.10
N ARG A 158 5.69 -17.80 -6.37
CA ARG A 158 5.32 -19.06 -7.02
C ARG A 158 6.00 -20.26 -6.33
N VAL A 159 7.27 -20.10 -5.98
CA VAL A 159 8.02 -21.17 -5.31
C VAL A 159 7.38 -21.51 -3.97
N ILE A 160 7.02 -20.48 -3.21
CA ILE A 160 6.39 -20.68 -1.91
C ILE A 160 5.11 -21.49 -2.09
N GLU A 161 4.37 -21.20 -3.15
CA GLU A 161 3.13 -21.91 -3.42
C GLU A 161 3.39 -23.37 -3.79
N ILE A 162 4.50 -23.58 -4.55
CA ILE A 162 4.88 -24.95 -4.88
C ILE A 162 5.39 -25.70 -3.65
N GLU A 163 6.41 -25.12 -3.00
CA GLU A 163 6.97 -25.75 -1.81
C GLU A 163 5.91 -26.00 -0.75
N ASP B 24 -11.53 19.03 -8.30
CA ASP B 24 -11.61 18.39 -6.96
C ASP B 24 -10.61 17.26 -6.77
N SER B 25 -9.80 16.98 -7.81
CA SER B 25 -8.83 15.89 -7.71
C SER B 25 -7.96 15.93 -6.46
N PRO B 26 -7.40 17.11 -6.10
CA PRO B 26 -6.56 17.14 -4.90
C PRO B 26 -7.35 16.71 -3.67
N ILE B 27 -8.61 17.13 -3.61
CA ILE B 27 -9.47 16.78 -2.49
C ILE B 27 -9.72 15.27 -2.49
N ILE B 28 -10.07 14.74 -3.66
CA ILE B 28 -10.34 13.32 -3.81
C ILE B 28 -9.08 12.50 -3.53
N GLU B 29 -7.95 12.92 -4.08
CA GLU B 29 -6.71 12.19 -3.89
C GLU B 29 -6.27 12.19 -2.43
N ALA B 30 -6.40 13.34 -1.78
CA ALA B 30 -6.00 13.45 -0.37
C ALA B 30 -6.84 12.56 0.54
N ASN B 31 -8.17 12.61 0.38
CA ASN B 31 -9.01 11.79 1.25
C ASN B 31 -8.88 10.31 0.98
N GLY B 32 -8.57 9.95 -0.27
CA GLY B 32 -8.39 8.55 -0.59
C GLY B 32 -7.15 8.02 0.11
N THR B 33 -6.08 8.82 0.09
CA THR B 33 -4.83 8.41 0.74
C THR B 33 -4.99 8.41 2.26
N LEU B 34 -5.75 9.37 2.79
CA LEU B 34 -5.97 9.42 4.22
C LEU B 34 -6.78 8.20 4.64
N ASP B 35 -7.71 7.79 3.78
CA ASP B 35 -8.55 6.62 4.05
C ASP B 35 -7.64 5.39 4.07
N GLU B 36 -6.70 5.34 3.13
CA GLU B 36 -5.75 4.22 3.08
C GLU B 36 -4.94 4.23 4.37
N LEU B 37 -4.51 5.42 4.79
CA LEU B 37 -3.72 5.55 6.00
C LEU B 37 -4.45 5.01 7.23
N THR B 38 -5.67 5.48 7.49
CA THR B 38 -6.38 4.99 8.67
C THR B 38 -6.73 3.51 8.55
N SER B 39 -6.89 3.01 7.33
CA SER B 39 -7.19 1.58 7.15
C SER B 39 -5.98 0.74 7.51
N PHE B 40 -4.78 1.16 7.09
CA PHE B 40 -3.56 0.43 7.42
C PHE B 40 -3.30 0.52 8.93
N ILE B 41 -3.58 1.66 9.52
CA ILE B 41 -3.41 1.83 10.95
C ILE B 41 -4.40 0.91 11.69
N GLY B 42 -5.59 0.78 11.12
CA GLY B 42 -6.61 -0.07 11.72
C GLY B 42 -6.19 -1.52 11.70
N GLU B 43 -5.37 -1.89 10.73
CA GLU B 43 -4.87 -3.25 10.62
C GLU B 43 -3.71 -3.43 11.60
N ALA B 44 -2.80 -2.47 11.61
CA ALA B 44 -1.64 -2.52 12.48
C ALA B 44 -1.93 -2.51 13.97
N LYS B 45 -3.02 -1.87 14.37
CA LYS B 45 -3.34 -1.78 15.79
C LYS B 45 -3.59 -3.12 16.48
N HIS B 46 -3.86 -4.14 15.69
CA HIS B 46 -4.11 -5.47 16.25
C HIS B 46 -2.80 -6.21 16.54
N TYR B 47 -1.67 -5.57 16.24
CA TYR B 47 -0.37 -6.19 16.45
C TYR B 47 0.46 -5.60 17.58
N VAL B 48 0.00 -4.48 18.13
CA VAL B 48 0.74 -3.81 19.19
C VAL B 48 0.13 -4.03 20.57
N ASP B 49 0.80 -3.54 21.61
CA ASP B 49 0.30 -3.71 22.97
C ASP B 49 -0.85 -2.74 23.21
N GLU B 50 -1.52 -2.89 24.35
CA GLU B 50 -2.66 -2.04 24.67
C GLU B 50 -2.41 -0.55 24.65
N GLU B 51 -1.28 -0.11 25.18
CA GLU B 51 -0.99 1.31 25.18
C GLU B 51 -0.85 1.87 23.77
N MET B 52 -0.13 1.15 22.91
CA MET B 52 0.06 1.62 21.55
C MET B 52 -1.24 1.53 20.75
N LYS B 53 -2.05 0.51 21.05
CA LYS B 53 -3.31 0.35 20.35
C LYS B 53 -4.20 1.57 20.61
N GLY B 54 -4.17 2.07 21.85
CA GLY B 54 -4.95 3.23 22.21
C GLY B 54 -4.47 4.45 21.43
N ILE B 55 -3.16 4.60 21.34
CA ILE B 55 -2.57 5.71 20.62
C ILE B 55 -2.99 5.68 19.16
N LEU B 56 -2.90 4.50 18.53
CA LEU B 56 -3.30 4.35 17.13
C LEU B 56 -4.78 4.65 16.92
N GLU B 57 -5.64 4.26 17.85
CA GLU B 57 -7.05 4.54 17.68
C GLU B 57 -7.32 6.04 17.81
N GLU B 58 -6.53 6.74 18.63
CA GLU B 58 -6.71 8.19 18.75
C GLU B 58 -6.30 8.83 17.43
N ILE B 59 -5.25 8.26 16.82
CA ILE B 59 -4.76 8.75 15.54
C ILE B 59 -5.85 8.55 14.48
N GLN B 60 -6.58 7.44 14.56
CA GLN B 60 -7.65 7.17 13.58
C GLN B 60 -8.71 8.25 13.73
N ASN B 61 -8.98 8.64 14.96
CA ASN B 61 -9.96 9.69 15.23
C ASN B 61 -9.49 11.00 14.62
N ASP B 62 -8.20 11.29 14.76
CA ASP B 62 -7.66 12.52 14.19
C ASP B 62 -7.76 12.51 12.68
N ILE B 63 -7.46 11.37 12.07
CA ILE B 63 -7.53 11.27 10.62
C ILE B 63 -8.99 11.46 10.18
N TYR B 64 -9.92 10.94 10.98
CA TYR B 64 -11.35 11.10 10.65
C TYR B 64 -11.68 12.60 10.59
N LYS B 65 -11.15 13.35 11.55
CA LYS B 65 -11.38 14.80 11.60
C LYS B 65 -10.73 15.52 10.43
N ILE B 66 -9.53 15.08 10.05
CA ILE B 66 -8.84 15.69 8.92
C ILE B 66 -9.65 15.45 7.64
N MET B 67 -10.11 14.22 7.46
CA MET B 67 -10.89 13.86 6.28
C MET B 67 -12.18 14.65 6.18
N GLY B 68 -12.79 14.94 7.33
CA GLY B 68 -14.03 15.70 7.33
C GLY B 68 -13.80 17.10 6.79
N GLU B 69 -12.73 17.75 7.24
CA GLU B 69 -12.43 19.09 6.78
C GLU B 69 -12.14 19.11 5.28
N ILE B 70 -11.27 18.21 4.85
CA ILE B 70 -10.91 18.13 3.43
C ILE B 70 -12.09 17.72 2.56
N GLY B 71 -12.83 16.70 2.98
CA GLY B 71 -13.95 16.23 2.19
C GLY B 71 -15.11 17.21 2.05
N SER B 72 -15.19 18.16 2.97
CA SER B 72 -16.25 19.17 2.95
C SER B 72 -15.68 20.50 2.45
N LYS B 73 -14.42 20.48 2.03
CA LYS B 73 -13.76 21.67 1.53
C LYS B 73 -13.83 22.81 2.54
N GLY B 74 -13.69 22.48 3.82
CA GLY B 74 -13.71 23.49 4.85
C GLY B 74 -15.01 23.70 5.61
N LYS B 75 -16.14 23.24 5.08
CA LYS B 75 -17.42 23.41 5.76
C LYS B 75 -17.41 22.78 7.15
N ILE B 76 -16.80 21.60 7.26
CA ILE B 76 -16.71 20.89 8.52
C ILE B 76 -15.37 21.23 9.19
N GLU B 77 -15.43 21.57 10.47
CA GLU B 77 -14.23 21.92 11.23
C GLU B 77 -13.22 20.78 11.27
N GLY B 78 -11.94 21.12 11.19
CA GLY B 78 -10.89 20.12 11.22
C GLY B 78 -10.31 19.87 12.61
N ILE B 79 -9.06 19.40 12.67
CA ILE B 79 -8.42 19.14 13.95
C ILE B 79 -7.93 20.41 14.61
N SER B 80 -7.88 20.39 15.94
CA SER B 80 -7.41 21.53 16.70
C SER B 80 -5.91 21.44 16.85
N GLU B 81 -5.28 22.57 17.17
CA GLU B 81 -3.84 22.65 17.37
C GLU B 81 -3.44 21.69 18.49
N GLU B 82 -4.36 21.45 19.41
CA GLU B 82 -4.10 20.56 20.54
C GLU B 82 -3.70 19.14 20.12
N ARG B 83 -4.23 18.69 18.98
CA ARG B 83 -3.91 17.35 18.50
C ARG B 83 -2.45 17.27 18.09
N ILE B 84 -1.94 18.33 17.48
CA ILE B 84 -0.55 18.38 17.07
C ILE B 84 0.31 18.34 18.34
N LYS B 85 -0.08 19.13 19.34
CA LYS B 85 0.64 19.17 20.60
C LYS B 85 0.63 17.79 21.23
N TRP B 86 -0.45 17.05 21.02
CA TRP B 86 -0.58 15.70 21.55
C TRP B 86 0.51 14.81 20.93
N LEU B 87 0.66 14.89 19.61
CA LEU B 87 1.67 14.10 18.91
C LEU B 87 3.08 14.47 19.37
N GLU B 88 3.35 15.77 19.46
CA GLU B 88 4.67 16.23 19.87
C GLU B 88 5.02 15.73 21.27
N GLY B 89 4.01 15.61 22.12
CA GLY B 89 4.23 15.12 23.47
C GLY B 89 4.67 13.67 23.45
N LEU B 90 4.03 12.87 22.60
CA LEU B 90 4.38 11.46 22.48
C LEU B 90 5.73 11.32 21.80
N ILE B 91 6.02 12.22 20.87
CA ILE B 91 7.30 12.19 20.18
C ILE B 91 8.43 12.50 21.16
N SER B 92 8.23 13.52 22.00
CA SER B 92 9.24 13.89 22.98
C SER B 92 9.47 12.71 23.91
N ARG B 93 8.37 12.06 24.31
CA ARG B 93 8.46 10.92 25.21
C ARG B 93 9.35 9.84 24.62
N TYR B 94 8.93 9.28 23.48
CA TYR B 94 9.71 8.23 22.85
C TYR B 94 11.11 8.63 22.40
N GLU B 95 11.33 9.93 22.18
CA GLU B 95 12.66 10.39 21.77
C GLU B 95 13.68 10.09 22.86
N GLU B 96 13.21 9.85 24.08
CA GLU B 96 14.08 9.55 25.20
C GLU B 96 14.45 8.07 25.22
N MET B 97 13.66 7.26 24.53
CA MET B 97 13.89 5.81 24.49
C MET B 97 14.62 5.33 23.24
N VAL B 98 14.66 6.16 22.21
CA VAL B 98 15.30 5.75 20.96
C VAL B 98 16.59 6.50 20.66
N ASN B 99 17.68 5.74 20.57
CA ASN B 99 19.00 6.30 20.28
C ASN B 99 19.40 5.94 18.84
N LYS B 101 18.37 5.54 15.75
CA LYS B 101 17.39 6.06 14.79
C LYS B 101 17.92 5.94 13.37
N SER B 102 19.24 5.94 13.23
CA SER B 102 19.87 5.85 11.92
C SER B 102 20.44 4.45 11.67
N PHE B 103 20.57 4.12 10.39
CA PHE B 103 21.13 2.83 9.97
C PHE B 103 20.33 1.64 10.48
N VAL B 104 19.02 1.69 10.31
CA VAL B 104 18.15 0.60 10.73
C VAL B 104 17.25 0.19 9.57
N LEU B 105 17.20 -1.10 9.25
CA LEU B 105 16.37 -1.59 8.15
C LEU B 105 14.97 -1.86 8.68
N PRO B 106 13.93 -1.43 7.93
CA PRO B 106 12.53 -1.62 8.31
C PRO B 106 12.12 -3.04 8.68
N GLY B 107 11.15 -3.11 9.59
CA GLY B 107 10.61 -4.39 10.00
C GLY B 107 11.50 -5.34 10.76
N GLY B 108 12.17 -4.84 11.79
CA GLY B 108 13.01 -5.72 12.59
C GLY B 108 12.15 -6.84 13.13
N THR B 109 10.90 -6.53 13.41
CA THR B 109 9.94 -7.52 13.91
C THR B 109 8.68 -7.35 13.07
N LEU B 110 7.79 -8.34 13.08
CA LEU B 110 6.56 -8.23 12.29
C LEU B 110 5.79 -7.01 12.73
N GLU B 111 5.70 -6.82 14.05
CA GLU B 111 4.97 -5.71 14.62
C GLU B 111 5.51 -4.35 14.18
N SER B 112 6.83 -4.18 14.27
CA SER B 112 7.43 -2.91 13.87
C SER B 112 7.29 -2.70 12.36
N ALA B 113 7.29 -3.79 11.59
CA ALA B 113 7.13 -3.69 10.14
C ALA B 113 5.77 -3.06 9.81
N LYS B 114 4.74 -3.47 10.54
CA LYS B 114 3.39 -2.94 10.32
C LYS B 114 3.41 -1.43 10.50
N LEU B 115 4.09 -0.97 11.54
CA LEU B 115 4.18 0.45 11.82
C LEU B 115 5.01 1.19 10.76
N ASP B 116 6.07 0.55 10.28
CA ASP B 116 6.88 1.17 9.24
C ASP B 116 6.02 1.35 8.00
N VAL B 117 5.16 0.38 7.73
CA VAL B 117 4.28 0.50 6.57
C VAL B 117 3.38 1.71 6.74
N CYS B 118 2.79 1.85 7.92
CA CYS B 118 1.90 2.98 8.19
C CYS B 118 2.67 4.30 8.04
N ARG B 119 3.91 4.30 8.52
CA ARG B 119 4.76 5.49 8.44
C ARG B 119 4.89 5.97 6.99
N THR B 120 5.15 5.04 6.07
CA THR B 120 5.30 5.43 4.67
C THR B 120 3.99 5.93 4.06
N ILE B 121 2.87 5.36 4.50
CA ILE B 121 1.58 5.81 3.99
C ILE B 121 1.31 7.21 4.52
N ALA B 122 1.71 7.46 5.76
CA ALA B 122 1.50 8.77 6.37
C ALA B 122 2.28 9.83 5.60
N ARG B 123 3.49 9.48 5.17
CA ARG B 123 4.31 10.43 4.42
C ARG B 123 3.67 10.75 3.08
N ARG B 124 3.01 9.78 2.48
CA ARG B 124 2.33 10.00 1.21
C ARG B 124 1.13 10.92 1.45
N ALA B 125 0.43 10.70 2.56
CA ALA B 125 -0.73 11.51 2.92
C ALA B 125 -0.31 12.96 3.11
N GLU B 126 0.83 13.15 3.78
CA GLU B 126 1.37 14.48 4.02
C GLU B 126 1.46 15.24 2.70
N ARG B 127 2.06 14.59 1.70
CA ARG B 127 2.22 15.19 0.38
C ARG B 127 0.88 15.53 -0.27
N LYS B 128 -0.09 14.63 -0.14
CA LYS B 128 -1.41 14.86 -0.72
C LYS B 128 -2.09 16.06 -0.07
N VAL B 129 -1.92 16.20 1.24
CA VAL B 129 -2.54 17.31 1.95
C VAL B 129 -1.85 18.63 1.63
N ALA B 130 -0.55 18.57 1.38
CA ALA B 130 0.22 19.77 1.04
C ALA B 130 -0.40 20.37 -0.21
N THR B 131 -0.74 19.52 -1.17
CA THR B 131 -1.34 19.97 -2.42
C THR B 131 -2.70 20.63 -2.16
N VAL B 132 -3.48 20.04 -1.26
CA VAL B 132 -4.78 20.60 -0.91
C VAL B 132 -4.63 21.98 -0.26
N LEU B 133 -3.68 22.10 0.66
CA LEU B 133 -3.46 23.39 1.32
C LEU B 133 -3.10 24.43 0.27
N ARG B 134 -2.24 24.03 -0.66
CA ARG B 134 -1.76 24.88 -1.74
C ARG B 134 -2.88 25.37 -2.66
N GLU B 135 -3.66 24.43 -3.19
CA GLU B 135 -4.74 24.75 -4.11
C GLU B 135 -6.06 25.22 -3.50
N PHE B 136 -6.31 24.85 -2.24
CA PHE B 136 -7.57 25.24 -1.61
C PHE B 136 -7.47 26.09 -0.35
N GLY B 137 -6.29 26.11 0.27
CA GLY B 137 -6.11 26.90 1.47
C GLY B 137 -6.68 26.27 2.74
N ILE B 138 -6.91 24.96 2.68
CA ILE B 138 -7.43 24.25 3.84
C ILE B 138 -6.46 23.15 4.23
N GLY B 139 -6.55 22.69 5.47
CA GLY B 139 -5.68 21.63 5.94
C GLY B 139 -4.35 22.07 6.49
N LYS B 140 -4.25 23.31 6.96
CA LYS B 140 -2.99 23.81 7.50
C LYS B 140 -2.54 22.99 8.71
N GLU B 141 -3.44 22.83 9.68
CA GLU B 141 -3.12 22.06 10.88
C GLU B 141 -2.92 20.58 10.53
N ALA B 142 -3.73 20.10 9.59
CA ALA B 142 -3.64 18.71 9.14
C ALA B 142 -2.26 18.38 8.57
N LEU B 143 -1.72 19.30 7.78
CA LEU B 143 -0.41 19.10 7.17
C LEU B 143 0.65 18.89 8.24
N VAL B 144 0.66 19.76 9.24
CA VAL B 144 1.63 19.65 10.33
C VAL B 144 1.43 18.35 11.10
N TYR B 145 0.17 18.00 11.37
CA TYR B 145 -0.14 16.78 12.10
C TYR B 145 0.43 15.57 11.36
N LEU B 146 0.17 15.49 10.06
CA LEU B 146 0.66 14.38 9.26
C LEU B 146 2.19 14.34 9.21
N ASN B 147 2.80 15.52 9.16
CA ASN B 147 4.26 15.58 9.13
C ASN B 147 4.79 14.91 10.38
N ARG B 148 4.27 15.32 11.53
CA ARG B 148 4.68 14.77 12.82
C ARG B 148 4.24 13.33 13.04
N LEU B 149 3.12 12.94 12.45
CA LEU B 149 2.64 11.57 12.61
C LEU B 149 3.67 10.56 12.12
N SER B 150 4.29 10.80 10.97
CA SER B 150 5.27 9.85 10.47
C SER B 150 6.46 9.75 11.44
N ASP B 151 6.81 10.87 12.08
CA ASP B 151 7.92 10.85 13.04
C ASP B 151 7.57 9.96 14.22
N LEU B 152 6.32 10.02 14.67
CA LEU B 152 5.88 9.21 15.79
C LEU B 152 5.85 7.73 15.42
N LEU B 153 5.30 7.43 14.24
CA LEU B 153 5.23 6.04 13.80
C LEU B 153 6.62 5.44 13.71
N PHE B 154 7.59 6.23 13.25
CA PHE B 154 8.97 5.75 13.16
C PHE B 154 9.47 5.39 14.57
N LEU B 155 9.23 6.27 15.53
CA LEU B 155 9.67 6.02 16.91
C LEU B 155 8.97 4.80 17.51
N LEU B 156 7.67 4.66 17.24
CA LEU B 156 6.94 3.51 17.78
C LEU B 156 7.52 2.21 17.25
N ALA B 157 7.91 2.21 15.98
CA ALA B 157 8.50 1.03 15.36
C ALA B 157 9.83 0.71 16.03
N ARG B 158 10.67 1.72 16.21
CA ARG B 158 11.96 1.53 16.84
C ARG B 158 11.85 1.06 18.29
N VAL B 159 10.88 1.60 19.02
CA VAL B 159 10.66 1.23 20.42
C VAL B 159 10.29 -0.25 20.53
N ILE B 160 9.43 -0.71 19.62
CA ILE B 160 9.03 -2.11 19.63
C ILE B 160 10.27 -3.01 19.47
N GLU B 161 11.16 -2.61 18.57
CA GLU B 161 12.37 -3.38 18.32
C GLU B 161 13.33 -3.34 19.51
N ILE B 162 13.49 -2.15 20.09
CA ILE B 162 14.37 -1.97 21.23
C ILE B 162 13.90 -2.83 22.39
N GLU B 163 12.61 -2.76 22.71
CA GLU B 163 12.07 -3.55 23.81
C GLU B 163 12.24 -5.04 23.56
N LYS B 164 12.06 -5.46 22.30
CA LYS B 164 12.22 -6.86 21.97
C LYS B 164 13.67 -7.32 22.15
N ASN B 165 14.61 -6.47 21.74
CA ASN B 165 16.02 -6.79 21.86
C ASN B 165 16.45 -6.99 23.30
N LYS B 166 15.94 -6.14 24.20
CA LYS B 166 16.28 -6.25 25.62
C LYS B 166 15.92 -7.61 26.19
N LEU B 167 14.82 -8.17 25.72
CA LEU B 167 14.41 -9.47 26.25
C LEU B 167 15.19 -10.61 25.58
N SER C 25 0.73 5.92 -20.48
CA SER C 25 0.88 6.21 -19.02
C SER C 25 -0.35 5.79 -18.22
N PRO C 26 -1.54 6.24 -18.63
CA PRO C 26 -2.76 5.86 -17.90
C PRO C 26 -2.94 4.35 -17.85
N ILE C 27 -2.63 3.69 -18.97
CA ILE C 27 -2.76 2.24 -19.06
C ILE C 27 -1.85 1.55 -18.04
N ILE C 28 -0.59 2.00 -17.97
CA ILE C 28 0.38 1.43 -17.06
C ILE C 28 0.01 1.64 -15.59
N GLU C 29 -0.42 2.85 -15.27
CA GLU C 29 -0.80 3.18 -13.91
C GLU C 29 -2.02 2.39 -13.46
N ALA C 30 -3.01 2.29 -14.35
CA ALA C 30 -4.23 1.57 -14.05
C ALA C 30 -3.98 0.09 -13.76
N ASN C 31 -3.25 -0.59 -14.64
CA ASN C 31 -2.97 -2.01 -14.42
C ASN C 31 -2.08 -2.21 -13.20
N GLY C 32 -1.19 -1.26 -12.94
CA GLY C 32 -0.34 -1.39 -11.77
C GLY C 32 -1.18 -1.34 -10.51
N THR C 33 -2.15 -0.43 -10.48
CA THR C 33 -3.03 -0.29 -9.32
C THR C 33 -3.98 -1.49 -9.20
N LEU C 34 -4.45 -2.00 -10.33
CA LEU C 34 -5.34 -3.17 -10.30
C LEU C 34 -4.54 -4.37 -9.81
N ASP C 35 -3.27 -4.43 -10.18
CA ASP C 35 -2.39 -5.52 -9.77
C ASP C 35 -2.25 -5.42 -8.24
N GLU C 36 -2.08 -4.19 -7.75
CA GLU C 36 -1.96 -3.96 -6.32
C GLU C 36 -3.25 -4.44 -5.63
N LEU C 37 -4.38 -4.08 -6.20
CA LEU C 37 -5.68 -4.47 -5.65
C LEU C 37 -5.85 -5.97 -5.52
N THR C 38 -5.66 -6.70 -6.61
CA THR C 38 -5.83 -8.14 -6.55
C THR C 38 -4.80 -8.78 -5.62
N SER C 39 -3.63 -8.18 -5.51
CA SER C 39 -2.61 -8.73 -4.62
C SER C 39 -3.04 -8.56 -3.16
N PHE C 40 -3.59 -7.40 -2.81
CA PHE C 40 -4.03 -7.19 -1.44
C PHE C 40 -5.25 -8.05 -1.15
N ILE C 41 -6.07 -8.29 -2.15
CA ILE C 41 -7.24 -9.15 -1.95
C ILE C 41 -6.73 -10.57 -1.77
N GLY C 42 -5.68 -10.92 -2.53
CA GLY C 42 -5.10 -12.24 -2.43
C GLY C 42 -4.56 -12.50 -1.03
N GLU C 43 -4.20 -11.43 -0.34
CA GLU C 43 -3.69 -11.56 1.01
C GLU C 43 -4.85 -11.62 2.00
N ALA C 44 -5.83 -10.74 1.82
CA ALA C 44 -6.99 -10.69 2.71
C ALA C 44 -7.86 -11.96 2.70
N LYS C 45 -7.92 -12.63 1.55
CA LYS C 45 -8.76 -13.82 1.44
C LYS C 45 -8.40 -14.93 2.40
N HIS C 46 -7.18 -14.88 2.96
CA HIS C 46 -6.73 -15.91 3.88
C HIS C 46 -7.13 -15.60 5.34
N TYR C 47 -7.86 -14.51 5.54
CA TYR C 47 -8.27 -14.11 6.88
C TYR C 47 -9.78 -14.09 7.08
N VAL C 48 -10.53 -14.32 6.01
CA VAL C 48 -11.99 -14.31 6.08
C VAL C 48 -12.57 -15.72 6.10
N ASP C 49 -13.88 -15.83 6.29
CA ASP C 49 -14.50 -17.15 6.31
C ASP C 49 -14.53 -17.77 4.93
N GLU C 50 -14.94 -19.03 4.87
CA GLU C 50 -14.97 -19.76 3.61
C GLU C 50 -15.81 -19.11 2.52
N GLU C 51 -17.01 -18.63 2.86
CA GLU C 51 -17.86 -18.00 1.87
C GLU C 51 -17.23 -16.73 1.29
N MET C 52 -16.68 -15.89 2.18
CA MET C 52 -16.06 -14.65 1.72
C MET C 52 -14.79 -14.90 0.93
N LYS C 53 -14.06 -15.96 1.28
CA LYS C 53 -12.85 -16.29 0.56
C LYS C 53 -13.20 -16.59 -0.90
N GLY C 54 -14.30 -17.33 -1.10
CA GLY C 54 -14.72 -17.66 -2.45
C GLY C 54 -15.12 -16.43 -3.23
N ILE C 55 -15.82 -15.52 -2.56
CA ILE C 55 -16.25 -14.28 -3.19
C ILE C 55 -15.02 -13.49 -3.62
N LEU C 56 -14.03 -13.40 -2.74
CA LEU C 56 -12.80 -12.66 -3.04
C LEU C 56 -12.03 -13.30 -4.20
N GLU C 57 -12.03 -14.62 -4.29
CA GLU C 57 -11.36 -15.30 -5.38
C GLU C 57 -12.05 -14.98 -6.71
N GLU C 58 -13.38 -14.92 -6.69
CA GLU C 58 -14.10 -14.58 -7.93
C GLU C 58 -13.74 -13.13 -8.30
N ILE C 59 -13.57 -12.29 -7.29
CA ILE C 59 -13.21 -10.90 -7.56
C ILE C 59 -11.82 -10.85 -8.22
N GLN C 60 -10.90 -11.68 -7.76
CA GLN C 60 -9.58 -11.72 -8.37
C GLN C 60 -9.71 -12.12 -9.85
N ASN C 61 -10.65 -13.02 -10.14
CA ASN C 61 -10.88 -13.45 -11.51
C ASN C 61 -11.36 -12.27 -12.33
N ASP C 62 -12.27 -11.49 -11.76
CA ASP C 62 -12.81 -10.33 -12.45
C ASP C 62 -11.72 -9.28 -12.68
N ILE C 63 -10.87 -9.07 -11.69
CA ILE C 63 -9.80 -8.09 -11.85
C ILE C 63 -8.86 -8.54 -12.97
N TYR C 64 -8.62 -9.84 -13.04
CA TYR C 64 -7.77 -10.40 -14.10
C TYR C 64 -8.37 -10.08 -15.46
N LYS C 65 -9.69 -10.19 -15.57
CA LYS C 65 -10.41 -9.89 -16.80
C LYS C 65 -10.25 -8.41 -17.13
N ILE C 66 -10.40 -7.57 -16.11
CA ILE C 66 -10.26 -6.13 -16.31
C ILE C 66 -8.85 -5.75 -16.76
N MET C 67 -7.84 -6.33 -16.12
CA MET C 67 -6.46 -6.04 -16.46
C MET C 67 -6.14 -6.47 -17.89
N GLY C 68 -6.82 -7.52 -18.36
CA GLY C 68 -6.59 -7.99 -19.71
C GLY C 68 -7.01 -6.94 -20.73
N GLU C 69 -8.19 -6.35 -20.53
CA GLU C 69 -8.68 -5.34 -21.46
C GLU C 69 -7.84 -4.07 -21.44
N ILE C 70 -7.55 -3.58 -20.24
CA ILE C 70 -6.75 -2.37 -20.12
C ILE C 70 -5.32 -2.58 -20.64
N GLY C 71 -4.71 -3.70 -20.25
CA GLY C 71 -3.35 -3.98 -20.68
C GLY C 71 -3.18 -4.24 -22.16
N SER C 72 -4.25 -4.65 -22.83
CA SER C 72 -4.19 -4.91 -24.26
C SER C 72 -4.74 -3.72 -25.02
N LYS C 73 -5.08 -2.66 -24.28
CA LYS C 73 -5.63 -1.46 -24.88
C LYS C 73 -6.90 -1.74 -25.65
N GLY C 74 -7.68 -2.72 -25.18
CA GLY C 74 -8.94 -3.06 -25.83
C GLY C 74 -8.96 -4.29 -26.70
N LYS C 75 -7.79 -4.77 -27.12
CA LYS C 75 -7.72 -5.96 -27.97
C LYS C 75 -8.35 -7.18 -27.31
N ILE C 76 -8.18 -7.28 -25.99
CA ILE C 76 -8.73 -8.40 -25.23
C ILE C 76 -10.04 -8.00 -24.55
N GLU C 77 -11.00 -8.92 -24.56
CA GLU C 77 -12.31 -8.68 -23.96
C GLU C 77 -12.22 -8.45 -22.45
N GLY C 78 -13.02 -7.51 -21.96
CA GLY C 78 -13.04 -7.23 -20.53
C GLY C 78 -14.18 -7.95 -19.83
N ILE C 79 -14.58 -7.45 -18.67
CA ILE C 79 -15.68 -8.08 -17.92
C ILE C 79 -17.03 -7.86 -18.57
N SER C 80 -17.98 -8.73 -18.26
CA SER C 80 -19.32 -8.63 -18.79
C SER C 80 -20.21 -7.91 -17.78
N GLU C 81 -21.39 -7.50 -18.23
CA GLU C 81 -22.36 -6.81 -17.38
C GLU C 81 -22.82 -7.72 -16.25
N GLU C 82 -22.77 -9.03 -16.49
CA GLU C 82 -23.20 -10.00 -15.49
C GLU C 82 -22.37 -9.93 -14.22
N ARG C 83 -21.10 -9.57 -14.36
CA ARG C 83 -20.22 -9.48 -13.21
C ARG C 83 -20.62 -8.32 -12.31
N ILE C 84 -21.06 -7.23 -12.93
CA ILE C 84 -21.51 -6.07 -12.18
C ILE C 84 -22.78 -6.44 -11.43
N LYS C 85 -23.68 -7.15 -12.10
CA LYS C 85 -24.93 -7.57 -11.48
C LYS C 85 -24.66 -8.54 -10.36
N TRP C 86 -23.56 -9.28 -10.47
CA TRP C 86 -23.17 -10.25 -9.44
C TRP C 86 -22.82 -9.47 -8.16
N LEU C 87 -22.03 -8.41 -8.31
CA LEU C 87 -21.63 -7.60 -7.16
C LEU C 87 -22.87 -6.95 -6.55
N GLU C 88 -23.73 -6.43 -7.41
CA GLU C 88 -24.94 -5.77 -6.94
C GLU C 88 -25.81 -6.74 -6.15
N GLY C 89 -25.85 -7.99 -6.59
CA GLY C 89 -26.64 -8.99 -5.88
C GLY C 89 -26.08 -9.18 -4.48
N LEU C 90 -24.76 -9.28 -4.37
CA LEU C 90 -24.11 -9.45 -3.08
C LEU C 90 -24.30 -8.21 -2.21
N ILE C 91 -24.25 -7.03 -2.83
CA ILE C 91 -24.42 -5.78 -2.11
C ILE C 91 -25.81 -5.78 -1.46
N SER C 92 -26.82 -6.09 -2.26
CA SER C 92 -28.20 -6.12 -1.77
C SER C 92 -28.33 -7.07 -0.59
N ARG C 93 -27.73 -8.24 -0.71
CA ARG C 93 -27.76 -9.24 0.35
C ARG C 93 -27.15 -8.75 1.65
N TYR C 94 -25.91 -8.27 1.59
CA TYR C 94 -25.24 -7.79 2.79
C TYR C 94 -25.79 -6.48 3.35
N GLU C 95 -26.39 -5.67 2.48
CA GLU C 95 -26.95 -4.40 2.91
C GLU C 95 -27.98 -4.60 4.01
N GLU C 96 -28.84 -5.61 3.85
CA GLU C 96 -29.87 -5.88 4.83
C GLU C 96 -29.33 -6.38 6.18
N MET C 97 -28.03 -6.66 6.23
CA MET C 97 -27.41 -7.15 7.46
C MET C 97 -26.69 -6.04 8.23
N VAL C 98 -26.54 -4.88 7.60
CA VAL C 98 -25.83 -3.78 8.24
C VAL C 98 -26.73 -2.63 8.67
N ASN C 99 -26.64 -2.24 9.94
CA ASN C 99 -27.43 -1.14 10.50
C ASN C 99 -26.63 0.16 10.57
N LEU C 100 -25.39 0.06 11.03
CA LEU C 100 -24.52 1.22 11.17
C LEU C 100 -23.47 1.25 10.06
N LYS C 101 -23.48 2.31 9.26
CA LYS C 101 -22.54 2.45 8.16
C LYS C 101 -21.98 3.86 8.06
N SER C 102 -22.72 4.82 8.60
CA SER C 102 -22.35 6.22 8.54
C SER C 102 -21.12 6.69 9.32
N PHE C 103 -20.93 6.18 10.52
CA PHE C 103 -19.81 6.60 11.37
C PHE C 103 -19.01 5.41 11.87
N VAL C 104 -18.07 4.96 11.05
CA VAL C 104 -17.27 3.81 11.43
C VAL C 104 -15.78 4.05 11.17
N LEU C 105 -14.95 3.65 12.12
CA LEU C 105 -13.51 3.79 11.97
C LEU C 105 -13.04 2.43 11.47
N PRO C 106 -12.22 2.43 10.42
CA PRO C 106 -11.70 1.18 9.84
C PRO C 106 -10.99 0.26 10.84
N GLY C 107 -11.01 -1.03 10.53
CA GLY C 107 -10.31 -2.01 11.34
C GLY C 107 -10.85 -2.40 12.71
N GLY C 108 -12.16 -2.57 12.83
CA GLY C 108 -12.69 -2.99 14.11
C GLY C 108 -12.07 -4.32 14.52
N THR C 109 -11.78 -5.15 13.51
CA THR C 109 -11.15 -6.45 13.74
C THR C 109 -10.02 -6.57 12.72
N LEU C 110 -9.12 -7.51 12.95
CA LEU C 110 -8.01 -7.72 12.03
C LEU C 110 -8.52 -8.00 10.63
N GLU C 111 -9.45 -8.96 10.51
CA GLU C 111 -10.00 -9.33 9.21
C GLU C 111 -10.74 -8.20 8.52
N SER C 112 -11.57 -7.47 9.26
CA SER C 112 -12.29 -6.36 8.64
C SER C 112 -11.31 -5.27 8.18
N ALA C 113 -10.21 -5.12 8.91
CA ALA C 113 -9.20 -4.12 8.55
C ALA C 113 -8.61 -4.46 7.18
N LYS C 114 -8.34 -5.74 6.96
CA LYS C 114 -7.80 -6.22 5.69
C LYS C 114 -8.71 -5.78 4.55
N LEU C 115 -10.01 -5.97 4.75
CA LEU C 115 -10.98 -5.61 3.73
C LEU C 115 -11.05 -4.09 3.55
N ASP C 116 -10.96 -3.34 4.65
CA ASP C 116 -10.99 -1.89 4.52
C ASP C 116 -9.80 -1.44 3.68
N VAL C 117 -8.66 -2.09 3.86
CA VAL C 117 -7.48 -1.74 3.07
C VAL C 117 -7.78 -2.00 1.60
N CYS C 118 -8.35 -3.17 1.30
CA CYS C 118 -8.71 -3.51 -0.07
C CYS C 118 -9.70 -2.51 -0.63
N ARG C 119 -10.63 -2.08 0.21
CA ARG C 119 -11.63 -1.09 -0.18
C ARG C 119 -10.96 0.20 -0.67
N THR C 120 -9.97 0.70 0.06
CA THR C 120 -9.31 1.94 -0.33
C THR C 120 -8.52 1.79 -1.62
N ILE C 121 -7.91 0.62 -1.82
CA ILE C 121 -7.16 0.40 -3.05
C ILE C 121 -8.12 0.30 -4.22
N ALA C 122 -9.30 -0.28 -3.98
CA ALA C 122 -10.30 -0.41 -5.03
C ALA C 122 -10.75 0.99 -5.47
N ARG C 123 -10.94 1.88 -4.50
CA ARG C 123 -11.37 3.23 -4.82
C ARG C 123 -10.32 3.96 -5.66
N ARG C 124 -9.06 3.68 -5.39
CA ARG C 124 -7.95 4.29 -6.13
C ARG C 124 -7.96 3.70 -7.55
N ALA C 125 -8.17 2.38 -7.64
CA ALA C 125 -8.20 1.71 -8.92
C ALA C 125 -9.29 2.31 -9.80
N GLU C 126 -10.43 2.61 -9.18
CA GLU C 126 -11.55 3.19 -9.90
C GLU C 126 -11.14 4.48 -10.62
N ARG C 127 -10.44 5.34 -9.88
CA ARG C 127 -9.98 6.62 -10.44
C ARG C 127 -8.99 6.45 -11.59
N LYS C 128 -8.09 5.48 -11.46
CA LYS C 128 -7.10 5.22 -12.51
C LYS C 128 -7.79 4.74 -13.77
N VAL C 129 -8.79 3.87 -13.60
CA VAL C 129 -9.53 3.34 -14.74
C VAL C 129 -10.39 4.44 -15.36
N ALA C 130 -10.81 5.39 -14.53
CA ALA C 130 -11.63 6.50 -15.01
C ALA C 130 -10.83 7.28 -16.04
N THR C 131 -9.54 7.46 -15.77
CA THR C 131 -8.64 8.17 -16.66
C THR C 131 -8.44 7.40 -17.95
N VAL C 132 -8.32 6.09 -17.84
CA VAL C 132 -8.13 5.23 -19.01
C VAL C 132 -9.36 5.34 -19.90
N LEU C 133 -10.54 5.42 -19.29
CA LEU C 133 -11.77 5.50 -20.05
C LEU C 133 -11.86 6.82 -20.82
N ARG C 134 -11.52 7.92 -20.16
CA ARG C 134 -11.61 9.22 -20.80
C ARG C 134 -10.55 9.43 -21.88
N GLU C 135 -9.37 8.83 -21.70
CA GLU C 135 -8.30 9.00 -22.67
C GLU C 135 -8.19 7.89 -23.72
N PHE C 136 -8.80 6.75 -23.46
CA PHE C 136 -8.73 5.64 -24.40
C PHE C 136 -10.10 5.10 -24.79
N GLY C 137 -11.14 5.55 -24.09
CA GLY C 137 -12.48 5.09 -24.38
C GLY C 137 -12.73 3.63 -24.08
N ILE C 138 -11.91 3.04 -23.22
CA ILE C 138 -12.07 1.63 -22.87
C ILE C 138 -12.23 1.49 -21.36
N GLY C 139 -12.92 0.44 -20.93
CA GLY C 139 -13.09 0.21 -19.50
C GLY C 139 -14.36 0.75 -18.89
N LYS C 140 -15.40 0.96 -19.70
CA LYS C 140 -16.66 1.47 -19.18
C LYS C 140 -17.23 0.52 -18.11
N GLU C 141 -17.34 -0.76 -18.46
CA GLU C 141 -17.85 -1.76 -17.54
C GLU C 141 -16.95 -1.91 -16.32
N ALA C 142 -15.64 -1.94 -16.56
CA ALA C 142 -14.67 -2.09 -15.47
C ALA C 142 -14.82 -0.96 -14.45
N LEU C 143 -15.10 0.25 -14.93
CA LEU C 143 -15.26 1.38 -14.04
C LEU C 143 -16.43 1.17 -13.09
N VAL C 144 -17.54 0.69 -13.63
CA VAL C 144 -18.74 0.44 -12.85
C VAL C 144 -18.47 -0.69 -11.85
N TYR C 145 -17.80 -1.73 -12.31
CA TYR C 145 -17.48 -2.86 -11.45
C TYR C 145 -16.69 -2.40 -10.22
N LEU C 146 -15.65 -1.60 -10.46
CA LEU C 146 -14.81 -1.12 -9.37
C LEU C 146 -15.59 -0.20 -8.42
N ASN C 147 -16.53 0.54 -8.97
CA ASN C 147 -17.34 1.43 -8.13
C ASN C 147 -18.14 0.57 -7.16
N ARG C 148 -18.77 -0.48 -7.68
CA ARG C 148 -19.57 -1.38 -6.85
C ARG C 148 -18.69 -2.23 -5.92
N LEU C 149 -17.50 -2.60 -6.39
CA LEU C 149 -16.60 -3.42 -5.58
C LEU C 149 -16.27 -2.76 -4.25
N SER C 150 -15.98 -1.47 -4.25
CA SER C 150 -15.65 -0.82 -3.00
C SER C 150 -16.88 -0.83 -2.08
N ASP C 151 -18.07 -0.69 -2.66
CA ASP C 151 -19.29 -0.73 -1.84
C ASP C 151 -19.39 -2.10 -1.17
N LEU C 152 -19.09 -3.15 -1.92
CA LEU C 152 -19.17 -4.50 -1.37
C LEU C 152 -18.12 -4.73 -0.28
N LEU C 153 -16.89 -4.33 -0.55
CA LEU C 153 -15.82 -4.50 0.43
C LEU C 153 -16.19 -3.79 1.73
N PHE C 154 -16.79 -2.61 1.63
CA PHE C 154 -17.22 -1.87 2.82
C PHE C 154 -18.22 -2.72 3.60
N LEU C 155 -19.22 -3.26 2.91
CA LEU C 155 -20.24 -4.08 3.58
C LEU C 155 -19.67 -5.35 4.19
N LEU C 156 -18.76 -6.01 3.47
CA LEU C 156 -18.16 -7.23 4.00
C LEU C 156 -17.42 -6.95 5.30
N ALA C 157 -16.73 -5.81 5.36
CA ALA C 157 -15.98 -5.45 6.56
C ALA C 157 -16.92 -5.22 7.74
N ARG C 158 -18.03 -4.53 7.49
CA ARG C 158 -19.00 -4.24 8.54
C ARG C 158 -19.66 -5.54 9.00
N VAL C 159 -19.95 -6.43 8.06
CA VAL C 159 -20.56 -7.71 8.40
C VAL C 159 -19.66 -8.52 9.32
N ILE C 160 -18.37 -8.53 9.01
CA ILE C 160 -17.40 -9.25 9.84
C ILE C 160 -17.41 -8.70 11.27
N GLU C 161 -17.48 -7.39 11.40
CA GLU C 161 -17.49 -6.76 12.72
C GLU C 161 -18.80 -7.09 13.44
N ILE C 162 -19.89 -7.22 12.69
CA ILE C 162 -21.17 -7.56 13.29
C ILE C 162 -21.13 -8.97 13.85
MG MG D . 9.85 -8.24 -15.72
MG MG E . -20.37 3.77 -4.00
#